data_4NUH
#
_entry.id   4NUH
#
_cell.length_a   29.358
_cell.length_b   31.222
_cell.length_c   47.051
_cell.angle_alpha   76.32
_cell.angle_beta   72.59
_cell.angle_gamma   76.62
#
_symmetry.space_group_name_H-M   'P 1'
#
loop_
_entity.id
_entity.type
_entity.pdbx_description
1 polymer 'ice-binding protein'
2 non-polymer DI(HYDROXYETHYL)ETHER
3 water water
#
_entity_poly.entity_id   1
_entity_poly.type   'polypeptide(L)'
_entity_poly.pdbx_seq_one_letter_code
;QRDLSVELGVASNFAILAKAGISSVPDSAILGDVGASPITGAAILLKCDEVTGTIFSVDAAGPACKITDASRLAAAVANA
ETAYNQAAGFVDPDFLELGAGELRDQTLVPGLYKWTSSVSVPTDLTFEGNGDATWVFQIAGGLSLADGVAFTLAGGANST
NIAFQVGDDVTVGKGAHFEGVLLAKRFVTLQTGSSLNGRVLSQTEVALQKATVNSP
;
_entity_poly.pdbx_strand_id   A
#
# COMPACT_ATOMS: atom_id res chain seq x y z
N GLN A 1 10.55 -2.38 20.51
CA GLN A 1 10.86 -3.60 21.30
C GLN A 1 10.18 -4.84 20.69
N ARG A 2 9.05 -4.67 19.97
CA ARG A 2 8.16 -5.80 19.56
C ARG A 2 8.24 -6.23 18.08
N ASP A 3 8.10 -7.50 17.82
CA ASP A 3 8.12 -8.01 16.45
C ASP A 3 6.74 -7.84 15.81
N LEU A 4 6.60 -6.86 14.92
CA LEU A 4 5.33 -6.60 14.21
C LEU A 4 5.54 -6.80 12.72
N SER A 5 6.47 -7.67 12.32
CA SER A 5 6.67 -7.96 10.91
C SER A 5 5.49 -8.67 10.34
N VAL A 6 5.12 -8.28 9.12
CA VAL A 6 3.96 -8.86 8.43
C VAL A 6 4.39 -9.68 7.25
N GLU A 7 3.99 -10.94 7.20
CA GLU A 7 4.36 -11.87 6.13
C GLU A 7 3.58 -11.58 4.87
N LEU A 8 4.28 -11.38 3.78
CA LEU A 8 3.59 -11.10 2.50
C LEU A 8 3.48 -12.24 1.57
N GLY A 9 4.29 -13.28 1.80
CA GLY A 9 4.44 -14.33 0.83
C GLY A 9 4.77 -13.84 -0.56
N VAL A 10 4.08 -14.44 -1.54
CA VAL A 10 4.30 -14.13 -2.97
C VAL A 10 3.83 -12.71 -3.31
N ALA A 11 3.07 -12.07 -2.41
CA ALA A 11 2.73 -10.63 -2.66
C ALA A 11 3.96 -9.71 -2.59
N SER A 12 5.09 -10.20 -2.06
CA SER A 12 6.34 -9.41 -2.03
C SER A 12 6.95 -9.23 -3.38
N ASN A 13 6.43 -9.87 -4.44
CA ASN A 13 6.91 -9.49 -5.80
C ASN A 13 6.14 -8.41 -6.53
N PHE A 14 5.08 -7.93 -5.90
CA PHE A 14 4.13 -7.05 -6.56
C PHE A 14 4.20 -5.63 -6.03
N ALA A 15 4.30 -4.68 -6.97
CA ALA A 15 4.11 -3.30 -6.62
C ALA A 15 2.68 -2.96 -6.33
N ILE A 16 1.76 -3.49 -7.14
CA ILE A 16 0.32 -3.24 -7.00
C ILE A 16 -0.43 -4.55 -7.21
N LEU A 17 -1.23 -4.90 -6.27
CA LEU A 17 -2.13 -6.05 -6.38
C LEU A 17 -3.52 -5.57 -6.05
N ALA A 18 -4.52 -5.93 -6.82
CA ALA A 18 -5.89 -5.51 -6.54
C ALA A 18 -6.80 -6.71 -6.76
N LYS A 19 -7.98 -6.67 -6.24
CA LYS A 19 -8.97 -7.74 -6.52
C LYS A 19 -9.96 -7.39 -7.61
N ALA A 20 -10.13 -6.10 -7.83
CA ALA A 20 -11.19 -5.62 -8.67
C ALA A 20 -10.73 -4.70 -9.84
N GLY A 21 -9.45 -4.38 -9.89
CA GLY A 21 -8.88 -3.70 -11.05
C GLY A 21 -7.87 -2.63 -10.63
N ILE A 22 -7.17 -2.15 -11.64
CA ILE A 22 -6.15 -1.14 -11.51
C ILE A 22 -6.28 -0.22 -12.72
N SER A 23 -6.27 1.07 -12.47
CA SER A 23 -6.23 2.03 -13.58
C SER A 23 -5.21 3.10 -13.37
N SER A 24 -4.81 3.73 -14.48
CA SER A 24 -3.91 4.87 -14.43
C SER A 24 -4.28 5.98 -15.42
N VAL A 25 -4.27 7.21 -14.93
CA VAL A 25 -4.23 8.39 -15.86
C VAL A 25 -2.77 8.49 -16.19
N PRO A 26 -2.39 8.27 -17.47
CA PRO A 26 -0.97 8.15 -17.79
C PRO A 26 -0.24 9.53 -17.92
N ASP A 27 1.06 9.55 -17.79
CA ASP A 27 1.89 8.36 -17.50
C ASP A 27 2.18 8.24 -16.02
N SER A 28 1.86 7.08 -15.48
CA SER A 28 2.40 6.65 -14.15
C SER A 28 3.66 5.85 -14.42
N ALA A 29 4.42 5.57 -13.35
CA ALA A 29 5.63 4.82 -13.41
C ALA A 29 5.64 3.81 -12.27
N ILE A 30 5.48 2.56 -12.62
CA ILE A 30 5.30 1.46 -11.62
C ILE A 30 6.48 0.54 -11.76
N LEU A 31 7.28 0.45 -10.69
CA LEU A 31 8.49 -0.34 -10.66
C LEU A 31 8.18 -1.59 -9.85
N GLY A 32 7.92 -2.70 -10.53
CA GLY A 32 7.49 -3.95 -9.94
C GLY A 32 6.37 -4.62 -10.69
N ASP A 33 5.95 -5.78 -10.29
CA ASP A 33 4.95 -6.49 -11.00
C ASP A 33 3.58 -5.95 -10.60
N VAL A 34 2.59 -6.10 -11.48
CA VAL A 34 1.24 -5.75 -11.14
C VAL A 34 0.26 -6.85 -11.49
N GLY A 35 -0.83 -6.93 -10.80
CA GLY A 35 -1.83 -7.85 -11.15
C GLY A 35 -3.12 -7.73 -10.40
N ALA A 36 -4.14 -8.34 -10.89
CA ALA A 36 -5.39 -8.40 -10.19
C ALA A 36 -5.97 -9.77 -10.21
N SER A 37 -6.68 -10.12 -9.19
CA SER A 37 -7.30 -11.39 -9.10
C SER A 37 -8.35 -11.30 -7.97
N PRO A 38 -9.57 -11.81 -8.16
CA PRO A 38 -9.99 -12.77 -9.25
C PRO A 38 -10.54 -12.15 -10.53
N ILE A 39 -10.59 -10.84 -10.61
CA ILE A 39 -11.18 -10.16 -11.76
C ILE A 39 -10.35 -10.45 -12.99
N THR A 40 -11.08 -10.55 -14.09
CA THR A 40 -10.47 -10.68 -15.43
C THR A 40 -9.38 -9.61 -15.64
N GLY A 41 -8.36 -9.95 -16.43
CA GLY A 41 -7.25 -9.03 -16.79
C GLY A 41 -7.70 -7.82 -17.59
N ALA A 42 -8.94 -7.85 -18.12
CA ALA A 42 -9.50 -6.73 -18.77
C ALA A 42 -9.65 -5.52 -17.83
N ALA A 43 -9.66 -5.78 -16.51
CA ALA A 43 -9.75 -4.70 -15.55
C ALA A 43 -8.42 -4.09 -15.16
N ILE A 44 -7.34 -4.47 -15.86
CA ILE A 44 -6.08 -3.76 -15.70
C ILE A 44 -5.94 -2.69 -16.78
N LEU A 45 -6.21 -1.45 -16.40
CA LEU A 45 -6.25 -0.34 -17.36
C LEU A 45 -4.96 0.44 -17.22
N LEU A 46 -3.88 -0.20 -17.63
CA LEU A 46 -2.51 0.34 -17.56
C LEU A 46 -1.89 0.12 -18.92
N LYS A 47 -1.02 1.02 -19.34
CA LYS A 47 -0.26 0.76 -20.53
C LYS A 47 0.97 -0.10 -20.19
N CYS A 48 1.37 -0.94 -21.13
CA CYS A 48 2.52 -1.79 -20.94
C CYS A 48 3.73 -0.93 -20.58
N ASP A 49 3.85 0.26 -21.16
CA ASP A 49 4.99 1.11 -20.89
C ASP A 49 5.04 1.80 -19.53
N GLU A 50 3.94 1.79 -18.79
CA GLU A 50 3.91 2.31 -17.43
C GLU A 50 4.52 1.36 -16.40
N VAL A 51 4.65 0.09 -16.76
CA VAL A 51 5.05 -0.98 -15.77
C VAL A 51 6.45 -1.45 -16.14
N THR A 52 7.40 -1.25 -15.23
CA THR A 52 8.76 -1.81 -15.36
C THR A 52 8.75 -3.06 -14.48
N GLY A 53 8.43 -4.18 -15.14
CA GLY A 53 7.97 -5.40 -14.53
C GLY A 53 6.87 -6.01 -15.38
N THR A 54 6.23 -7.03 -14.86
CA THR A 54 5.24 -7.82 -15.60
C THR A 54 3.83 -7.48 -15.17
N ILE A 55 2.95 -7.30 -16.14
CA ILE A 55 1.52 -7.21 -15.88
C ILE A 55 0.97 -8.65 -15.94
N PHE A 56 0.49 -9.22 -14.82
CA PHE A 56 -0.08 -10.54 -14.77
C PHE A 56 -1.57 -10.48 -14.86
N SER A 57 -2.17 -11.49 -15.44
CA SER A 57 -3.61 -11.68 -15.50
C SER A 57 -4.00 -13.09 -15.07
N VAL A 58 -5.18 -13.29 -14.45
CA VAL A 58 -5.64 -14.63 -14.15
C VAL A 58 -6.21 -15.35 -15.41
N ASP A 59 -6.35 -14.62 -16.52
CA ASP A 59 -7.01 -15.21 -17.70
C ASP A 59 -6.34 -14.70 -18.95
N ALA A 60 -7.00 -14.91 -20.10
CA ALA A 60 -6.42 -14.53 -21.37
C ALA A 60 -6.72 -13.09 -21.80
N ALA A 61 -7.41 -12.29 -20.95
CA ALA A 61 -7.66 -10.91 -21.18
C ALA A 61 -6.49 -10.04 -20.62
N GLY A 62 -6.44 -8.83 -21.07
CA GLY A 62 -5.40 -7.90 -20.76
C GLY A 62 -4.66 -7.42 -21.99
N PRO A 63 -3.70 -6.56 -21.77
CA PRO A 63 -2.93 -6.04 -22.91
C PRO A 63 -1.95 -7.10 -23.51
N ALA A 64 -1.30 -6.76 -24.62
CA ALA A 64 -0.53 -7.72 -25.37
C ALA A 64 0.69 -8.19 -24.61
N CYS A 65 1.17 -7.36 -23.68
CA CYS A 65 2.34 -7.70 -22.86
C CYS A 65 1.98 -8.51 -21.60
N LYS A 66 0.71 -8.73 -21.35
CA LYS A 66 0.32 -9.43 -20.16
C LYS A 66 0.80 -10.89 -20.15
N ILE A 67 1.08 -11.43 -18.97
CA ILE A 67 1.37 -12.80 -18.80
C ILE A 67 0.29 -13.44 -17.95
N THR A 68 -0.37 -14.46 -18.45
CA THR A 68 -1.37 -15.20 -17.71
C THR A 68 -0.70 -16.09 -16.71
N ASP A 69 -0.99 -15.88 -15.43
CA ASP A 69 -0.45 -16.73 -14.39
C ASP A 69 -1.44 -16.81 -13.20
N ALA A 70 -2.48 -17.59 -13.35
CA ALA A 70 -3.59 -17.60 -12.41
C ALA A 70 -3.10 -18.11 -11.06
N SER A 71 -2.21 -19.08 -11.03
CA SER A 71 -1.79 -19.60 -9.80
C SER A 71 -0.91 -18.62 -8.99
N ARG A 72 -0.01 -17.89 -9.67
CA ARG A 72 0.86 -16.95 -8.99
C ARG A 72 0.01 -15.82 -8.47
N LEU A 73 -0.96 -15.33 -9.26
CA LEU A 73 -1.85 -14.25 -8.81
C LEU A 73 -2.72 -14.63 -7.70
N ALA A 74 -3.35 -15.80 -7.77
CA ALA A 74 -4.24 -16.24 -6.72
C ALA A 74 -3.46 -16.39 -5.38
N ALA A 75 -2.25 -16.93 -5.46
CA ALA A 75 -1.41 -17.01 -4.27
C ALA A 75 -1.04 -15.63 -3.73
N ALA A 76 -0.68 -14.75 -4.64
CA ALA A 76 -0.37 -13.38 -4.13
C ALA A 76 -1.52 -12.72 -3.44
N VAL A 77 -2.70 -12.80 -4.02
CA VAL A 77 -3.91 -12.21 -3.43
C VAL A 77 -4.24 -12.86 -2.11
N ALA A 78 -4.11 -14.21 -2.03
CA ALA A 78 -4.43 -14.86 -0.78
C ALA A 78 -3.44 -14.47 0.30
N ASN A 79 -2.17 -14.38 -0.08
CA ASN A 79 -1.12 -13.98 0.86
C ASN A 79 -1.31 -12.54 1.33
N ALA A 80 -1.71 -11.70 0.40
CA ALA A 80 -2.03 -10.31 0.74
C ALA A 80 -3.18 -10.20 1.73
N GLU A 81 -4.22 -11.03 1.59
CA GLU A 81 -5.33 -11.02 2.55
C GLU A 81 -4.91 -11.55 3.88
N THR A 82 -4.08 -12.58 3.89
CA THR A 82 -3.55 -13.06 5.15
C THR A 82 -2.71 -12.00 5.86
N ALA A 83 -1.92 -11.30 5.07
CA ALA A 83 -1.10 -10.18 5.59
C ALA A 83 -1.97 -9.11 6.23
N TYR A 84 -3.02 -8.70 5.51
CA TYR A 84 -3.97 -7.77 6.07
C TYR A 84 -4.51 -8.24 7.40
N ASN A 85 -4.93 -9.51 7.46
CA ASN A 85 -5.50 -10.01 8.66
C ASN A 85 -4.48 -10.14 9.77
N GLN A 86 -3.22 -10.46 9.44
CA GLN A 86 -2.18 -10.45 10.42
C GLN A 86 -1.94 -9.08 11.06
N ALA A 87 -1.87 -8.10 10.18
CA ALA A 87 -1.67 -6.75 10.63
C ALA A 87 -2.81 -6.29 11.53
N ALA A 88 -4.03 -6.58 11.06
CA ALA A 88 -5.21 -6.22 11.85
C ALA A 88 -5.27 -6.96 13.21
N GLY A 89 -4.63 -8.13 13.29
CA GLY A 89 -4.80 -9.04 14.42
C GLY A 89 -3.81 -8.80 15.48
N PHE A 90 -2.76 -7.99 15.33
CA PHE A 90 -1.84 -7.81 16.43
C PHE A 90 -2.57 -7.17 17.57
N VAL A 91 -2.23 -7.70 18.76
CA VAL A 91 -2.95 -7.25 19.95
C VAL A 91 -2.14 -6.24 20.77
N ASP A 92 -2.80 -5.60 21.72
CA ASP A 92 -2.17 -4.78 22.74
C ASP A 92 -1.44 -3.58 22.14
N PRO A 93 -2.17 -2.65 21.55
CA PRO A 93 -1.50 -1.49 20.90
C PRO A 93 -0.68 -0.66 21.81
N ASP A 94 0.41 -0.15 21.27
CA ASP A 94 1.20 0.83 22.01
C ASP A 94 0.56 2.20 22.04
N PHE A 95 -0.19 2.53 20.96
CA PHE A 95 -0.89 3.79 20.85
C PHE A 95 -2.31 3.62 20.35
N LEU A 96 -3.27 4.30 20.98
CA LEU A 96 -4.68 4.10 20.62
C LEU A 96 -5.26 5.51 20.48
N GLU A 97 -5.79 5.85 19.31
CA GLU A 97 -6.42 7.16 19.01
C GLU A 97 -5.41 8.29 19.09
N LEU A 98 -4.15 8.06 18.69
CA LEU A 98 -3.15 9.15 18.75
C LEU A 98 -3.62 10.27 17.90
N GLY A 99 -3.55 11.51 18.43
CA GLY A 99 -3.96 12.71 17.62
C GLY A 99 -5.43 12.79 17.26
N ALA A 100 -6.23 11.97 17.89
CA ALA A 100 -7.63 11.65 17.46
C ALA A 100 -7.77 11.48 15.96
N GLY A 101 -6.81 10.75 15.41
CA GLY A 101 -6.82 10.42 14.00
C GLY A 101 -6.14 11.44 13.11
N GLU A 102 -5.61 12.51 13.65
CA GLU A 102 -4.86 13.44 12.83
C GLU A 102 -3.41 13.37 13.28
N LEU A 103 -2.50 13.15 12.35
CA LEU A 103 -1.06 13.09 12.65
C LEU A 103 -0.37 14.32 12.09
N ARG A 104 -0.32 15.35 12.96
CA ARG A 104 0.22 16.61 12.64
C ARG A 104 1.55 16.80 13.34
N ASP A 105 2.59 17.00 12.54
CA ASP A 105 3.94 17.26 13.01
C ASP A 105 4.46 16.18 13.95
N GLN A 106 4.17 14.92 13.62
CA GLN A 106 4.49 13.83 14.48
C GLN A 106 5.76 13.09 14.04
N THR A 107 6.42 12.56 15.05
CA THR A 107 7.54 11.64 14.84
C THR A 107 7.21 10.43 15.65
N LEU A 108 7.18 9.26 14.97
CA LEU A 108 6.67 8.02 15.59
C LEU A 108 7.77 7.00 15.84
N VAL A 109 7.88 6.57 17.07
CA VAL A 109 8.76 5.49 17.45
C VAL A 109 8.16 4.17 17.02
N PRO A 110 8.93 3.11 16.95
CA PRO A 110 8.35 1.82 16.53
C PRO A 110 7.29 1.36 17.43
N GLY A 111 6.32 0.64 16.88
CA GLY A 111 5.23 0.09 17.73
C GLY A 111 3.95 -0.12 16.90
N LEU A 112 2.96 -0.52 17.67
CA LEU A 112 1.60 -0.85 17.15
C LEU A 112 0.67 0.32 17.43
N TYR A 113 0.14 0.97 16.38
CA TYR A 113 -0.72 2.13 16.45
C TYR A 113 -2.09 1.76 15.98
N LYS A 114 -3.10 2.03 16.79
CA LYS A 114 -4.49 1.66 16.45
C LYS A 114 -5.38 2.88 16.51
N TRP A 115 -6.32 3.00 15.59
CA TRP A 115 -7.37 4.04 15.60
C TRP A 115 -8.68 3.31 15.29
N THR A 116 -9.72 3.79 15.96
CA THR A 116 -11.10 3.36 15.67
C THR A 116 -11.81 4.28 14.71
N SER A 117 -11.11 5.27 14.20
CA SER A 117 -11.54 6.29 13.26
C SER A 117 -10.70 6.21 12.01
N SER A 118 -11.00 7.08 11.08
CA SER A 118 -10.08 7.40 10.03
C SER A 118 -8.84 8.16 10.53
N VAL A 119 -7.81 8.12 9.72
CA VAL A 119 -6.55 8.84 9.96
C VAL A 119 -6.26 9.79 8.82
N SER A 120 -5.88 11.02 9.21
CA SER A 120 -5.44 12.03 8.26
C SER A 120 -4.02 12.49 8.59
N VAL A 121 -3.25 12.72 7.54
CA VAL A 121 -1.87 13.13 7.66
C VAL A 121 -1.66 14.49 6.95
N PRO A 122 -1.84 15.60 7.74
CA PRO A 122 -1.80 16.92 7.12
C PRO A 122 -0.44 17.55 6.98
N THR A 123 0.60 16.93 7.51
CA THR A 123 1.98 17.44 7.44
C THR A 123 2.87 16.29 7.17
N ASP A 124 4.15 16.49 6.97
CA ASP A 124 5.10 15.40 6.88
C ASP A 124 5.00 14.59 8.14
N LEU A 125 5.26 13.30 8.02
CA LEU A 125 5.20 12.37 9.15
C LEU A 125 6.57 11.67 9.16
N THR A 126 7.20 11.66 10.32
CA THR A 126 8.51 11.00 10.44
C THR A 126 8.38 9.71 11.27
N PHE A 127 9.09 8.69 10.76
CA PHE A 127 9.26 7.39 11.44
C PHE A 127 10.69 7.32 11.96
N GLU A 128 10.89 7.16 13.25
CA GLU A 128 12.25 7.16 13.84
C GLU A 128 12.50 5.82 14.52
N GLY A 129 13.36 5.00 13.91
CA GLY A 129 13.77 3.72 14.56
C GLY A 129 14.78 3.03 13.68
N ASN A 130 15.37 1.91 14.17
CA ASN A 130 16.46 1.30 13.40
C ASN A 130 15.98 0.38 12.28
N GLY A 131 16.91 -0.23 11.57
CA GLY A 131 16.64 -1.06 10.47
C GLY A 131 15.88 -2.32 10.68
N ASP A 132 15.85 -2.72 11.94
CA ASP A 132 15.06 -3.91 12.33
C ASP A 132 13.71 -3.55 12.90
N ALA A 133 13.48 -2.31 13.21
CA ALA A 133 12.26 -1.90 13.88
C ALA A 133 11.04 -2.02 12.99
N THR A 134 9.90 -2.25 13.60
CA THR A 134 8.67 -2.40 12.86
C THR A 134 7.58 -1.52 13.38
N TRP A 135 6.73 -1.07 12.47
CA TRP A 135 5.56 -0.23 12.73
C TRP A 135 4.38 -0.88 12.05
N VAL A 136 3.24 -0.93 12.77
CA VAL A 136 1.97 -1.32 12.15
C VAL A 136 0.93 -0.32 12.57
N PHE A 137 0.16 0.13 11.59
CA PHE A 137 -1.02 1.01 11.78
C PHE A 137 -2.27 0.22 11.53
N GLN A 138 -3.14 0.21 12.53
CA GLN A 138 -4.48 -0.45 12.45
C GLN A 138 -5.55 0.62 12.39
N ILE A 139 -6.13 0.83 11.25
CA ILE A 139 -7.02 1.97 10.98
C ILE A 139 -8.42 1.46 10.62
N ALA A 140 -9.38 1.61 11.52
CA ALA A 140 -10.81 1.16 11.27
C ALA A 140 -11.57 2.34 10.68
N GLY A 141 -11.06 2.89 9.63
CA GLY A 141 -11.62 3.95 8.79
C GLY A 141 -10.69 4.10 7.61
N GLY A 142 -10.76 5.23 6.97
CA GLY A 142 -9.96 5.57 5.83
C GLY A 142 -8.62 6.18 6.26
N LEU A 143 -7.76 6.33 5.28
CA LEU A 143 -6.50 7.03 5.43
C LEU A 143 -6.39 8.10 4.33
N SER A 144 -6.00 9.32 4.73
CA SER A 144 -5.75 10.39 3.79
C SER A 144 -4.41 11.01 4.07
N LEU A 145 -3.60 11.22 3.05
CA LEU A 145 -2.41 12.10 3.09
C LEU A 145 -2.85 13.37 2.35
N ALA A 146 -2.61 14.50 3.00
CA ALA A 146 -2.89 15.79 2.33
C ALA A 146 -1.95 15.98 1.14
N ASP A 147 -2.29 16.88 0.22
CA ASP A 147 -1.41 17.18 -0.86
C ASP A 147 -0.06 17.59 -0.37
N GLY A 148 0.98 17.02 -0.98
CA GLY A 148 2.35 17.44 -0.74
C GLY A 148 3.08 16.85 0.45
N VAL A 149 2.41 16.11 1.31
CA VAL A 149 3.06 15.66 2.53
C VAL A 149 3.89 14.40 2.23
N ALA A 150 4.91 14.24 3.03
CA ALA A 150 5.85 13.12 2.81
C ALA A 150 6.04 12.34 4.05
N PHE A 151 6.05 11.00 3.95
CA PHE A 151 6.53 10.15 5.02
C PHE A 151 8.07 10.16 4.93
N THR A 152 8.69 10.45 6.06
CA THR A 152 10.20 10.67 6.16
C THR A 152 10.71 9.52 7.07
N LEU A 153 11.73 8.82 6.63
CA LEU A 153 12.31 7.68 7.42
C LEU A 153 13.62 8.13 8.04
N ALA A 154 13.71 8.01 9.33
CA ALA A 154 14.89 8.40 10.11
C ALA A 154 15.32 7.25 10.96
N GLY A 155 16.63 7.18 11.33
CA GLY A 155 17.12 6.16 12.23
C GLY A 155 17.55 4.85 11.61
N GLY A 156 17.37 4.73 10.32
CA GLY A 156 17.49 3.52 9.60
C GLY A 156 16.19 2.82 9.32
N ALA A 157 15.07 3.45 9.61
CA ALA A 157 13.74 2.82 9.46
C ALA A 157 13.64 2.42 7.98
N ASN A 158 13.06 1.27 7.70
CA ASN A 158 12.87 0.79 6.39
C ASN A 158 11.42 0.63 6.00
N SER A 159 11.06 0.92 4.76
CA SER A 159 9.72 0.81 4.22
C SER A 159 9.21 -0.65 4.25
N THR A 160 10.10 -1.65 4.22
CA THR A 160 9.66 -3.03 4.28
C THR A 160 9.18 -3.39 5.68
N ASN A 161 9.37 -2.51 6.65
CA ASN A 161 9.03 -2.77 8.07
C ASN A 161 7.94 -1.86 8.58
N ILE A 162 7.24 -1.25 7.63
CA ILE A 162 6.10 -0.34 7.95
C ILE A 162 4.90 -0.85 7.23
N ALA A 163 3.82 -1.19 7.96
CA ALA A 163 2.59 -1.75 7.32
C ALA A 163 1.40 -0.99 7.82
N PHE A 164 0.55 -0.59 6.89
CA PHE A 164 -0.72 0.09 7.19
C PHE A 164 -1.86 -0.79 6.81
N GLN A 165 -2.66 -1.15 7.79
CA GLN A 165 -3.88 -1.93 7.59
C GLN A 165 -5.03 -0.93 7.67
N VAL A 166 -5.71 -0.72 6.56
CA VAL A 166 -6.72 0.36 6.43
C VAL A 166 -8.08 -0.27 6.03
N GLY A 167 -9.07 -0.10 6.90
CA GLY A 167 -10.39 -0.71 6.74
C GLY A 167 -11.30 -0.04 5.77
N ASP A 168 -10.99 1.11 5.30
CA ASP A 168 -11.82 1.88 4.32
C ASP A 168 -10.90 2.64 3.31
N ASP A 169 -11.46 3.44 2.44
CA ASP A 169 -10.77 3.96 1.27
C ASP A 169 -9.57 4.77 1.71
N VAL A 170 -8.53 4.72 0.87
CA VAL A 170 -7.24 5.44 1.02
C VAL A 170 -7.11 6.46 -0.09
N THR A 171 -6.72 7.67 0.33
CA THR A 171 -6.44 8.77 -0.62
C THR A 171 -5.05 9.35 -0.35
N VAL A 172 -4.18 9.26 -1.32
CA VAL A 172 -2.85 9.89 -1.25
C VAL A 172 -2.96 11.16 -2.13
N GLY A 173 -2.78 12.29 -1.49
CA GLY A 173 -3.01 13.59 -2.14
C GLY A 173 -2.00 13.90 -3.23
N LYS A 174 -2.30 14.94 -4.01
CA LYS A 174 -1.43 15.36 -5.05
C LYS A 174 -0.03 15.64 -4.59
N GLY A 175 0.95 14.99 -5.22
CA GLY A 175 2.31 15.16 -4.87
C GLY A 175 2.78 14.66 -3.50
N ALA A 176 1.90 13.92 -2.80
CA ALA A 176 2.29 13.35 -1.50
C ALA A 176 3.17 12.09 -1.73
N HIS A 177 3.94 11.78 -0.71
CA HIS A 177 4.86 10.65 -0.77
C HIS A 177 4.64 9.73 0.42
N PHE A 178 4.28 8.50 0.09
CA PHE A 178 4.00 7.42 1.04
C PHE A 178 5.18 6.45 1.13
N GLU A 179 5.43 6.01 2.34
CA GLU A 179 6.42 4.91 2.59
C GLU A 179 5.72 3.77 3.31
N GLY A 180 5.92 2.55 2.79
CA GLY A 180 5.42 1.36 3.48
C GLY A 180 4.57 0.43 2.65
N VAL A 181 4.10 -0.61 3.28
CA VAL A 181 3.24 -1.60 2.66
C VAL A 181 1.82 -1.19 2.99
N LEU A 182 1.01 -0.87 2.00
CA LEU A 182 -0.36 -0.47 2.18
C LEU A 182 -1.30 -1.66 1.97
N LEU A 183 -1.89 -2.10 3.07
CA LEU A 183 -2.85 -3.25 3.09
C LEU A 183 -4.23 -2.63 3.21
N ALA A 184 -4.84 -2.37 2.05
CA ALA A 184 -6.10 -1.62 1.93
C ALA A 184 -7.24 -2.58 1.76
N LYS A 185 -8.28 -2.41 2.58
CA LYS A 185 -9.49 -3.22 2.42
C LYS A 185 -10.32 -2.84 1.22
N ARG A 186 -10.25 -1.55 0.86
CA ARG A 186 -11.11 -0.95 -0.15
C ARG A 186 -10.32 -0.08 -1.13
N PHE A 187 -10.90 1.01 -1.66
CA PHE A 187 -10.32 1.68 -2.77
C PHE A 187 -9.02 2.33 -2.37
N VAL A 188 -8.10 2.45 -3.30
CA VAL A 188 -6.88 3.25 -3.12
C VAL A 188 -6.73 4.21 -4.30
N THR A 189 -6.61 5.49 -4.01
CA THR A 189 -6.27 6.49 -5.03
C THR A 189 -4.97 7.17 -4.73
N LEU A 190 -4.07 7.15 -5.70
CA LEU A 190 -2.81 7.92 -5.70
C LEU A 190 -2.98 9.08 -6.68
N GLN A 191 -3.18 10.25 -6.11
CA GLN A 191 -3.52 11.45 -6.92
C GLN A 191 -2.29 12.00 -7.63
N THR A 192 -2.56 12.91 -8.58
CA THR A 192 -1.58 13.49 -9.50
C THR A 192 -0.25 13.69 -8.89
N GLY A 193 0.78 13.02 -9.44
CA GLY A 193 2.11 13.29 -9.03
C GLY A 193 2.62 12.75 -7.69
N SER A 194 1.75 11.93 -7.08
CA SER A 194 2.07 11.32 -5.79
C SER A 194 3.09 10.17 -6.09
N SER A 195 3.70 9.73 -5.00
CA SER A 195 4.67 8.65 -5.08
C SER A 195 4.52 7.74 -3.88
N LEU A 196 5.00 6.50 -4.03
CA LEU A 196 4.94 5.59 -2.91
C LEU A 196 6.13 4.64 -3.04
N ASN A 197 6.90 4.54 -1.97
CA ASN A 197 7.98 3.56 -1.87
C ASN A 197 7.43 2.45 -1.01
N GLY A 198 7.18 1.29 -1.61
CA GLY A 198 6.52 0.16 -0.90
C GLY A 198 5.66 -0.57 -1.86
N ARG A 199 4.47 -0.94 -1.40
CA ARG A 199 3.53 -1.69 -2.24
C ARG A 199 2.11 -1.31 -1.90
N VAL A 200 1.20 -1.48 -2.86
CA VAL A 200 -0.21 -1.23 -2.66
C VAL A 200 -0.95 -2.55 -2.89
N LEU A 201 -1.49 -3.08 -1.83
CA LEU A 201 -2.20 -4.38 -1.89
C LEU A 201 -3.62 -4.12 -1.49
N SER A 202 -4.55 -4.00 -2.46
CA SER A 202 -5.96 -3.64 -2.19
C SER A 202 -6.90 -4.80 -2.40
N GLN A 203 -7.90 -4.89 -1.54
CA GLN A 203 -8.99 -5.85 -1.76
C GLN A 203 -10.10 -5.32 -2.64
N THR A 204 -9.99 -4.13 -3.22
CA THR A 204 -10.92 -3.71 -4.27
C THR A 204 -10.09 -3.17 -5.44
N GLU A 205 -10.16 -1.88 -5.69
CA GLU A 205 -9.54 -1.26 -6.86
C GLU A 205 -8.51 -0.24 -6.49
N VAL A 206 -7.52 -0.08 -7.37
CA VAL A 206 -6.47 0.96 -7.25
C VAL A 206 -6.54 1.91 -8.44
N ALA A 207 -6.51 3.19 -8.17
CA ALA A 207 -6.46 4.24 -9.22
C ALA A 207 -5.24 5.07 -9.05
N LEU A 208 -4.42 5.16 -10.09
CA LEU A 208 -3.23 6.00 -10.11
C LEU A 208 -3.50 7.20 -11.04
N GLN A 209 -3.03 8.35 -10.67
CA GLN A 209 -3.10 9.58 -11.52
C GLN A 209 -1.66 10.09 -11.66
N LYS A 210 -1.01 9.75 -12.77
CA LYS A 210 0.33 10.19 -13.05
C LYS A 210 1.22 10.03 -11.82
N ALA A 211 1.15 8.83 -11.24
CA ALA A 211 1.76 8.53 -9.98
C ALA A 211 2.95 7.60 -10.14
N THR A 212 3.75 7.50 -9.08
CA THR A 212 4.94 6.62 -9.09
C THR A 212 4.85 5.64 -7.94
N VAL A 213 5.10 4.36 -8.22
CA VAL A 213 5.11 3.36 -7.15
C VAL A 213 6.43 2.66 -7.36
N ASN A 214 7.29 2.67 -6.33
CA ASN A 214 8.61 1.97 -6.38
C ASN A 214 8.60 0.82 -5.36
N SER A 215 8.54 -0.40 -5.83
CA SER A 215 8.49 -1.51 -4.86
C SER A 215 9.90 -1.98 -4.57
N PRO A 216 10.19 -2.46 -3.34
CA PRO A 216 11.50 -2.99 -2.93
C PRO A 216 11.83 -4.25 -3.73
#